data_6SOX
#
_entry.id   6SOX
#
_cell.length_a   51.683
_cell.length_b   71.380
_cell.length_c   97.829
_cell.angle_alpha   90.000
_cell.angle_beta   90.000
_cell.angle_gamma   90.000
#
_symmetry.space_group_name_H-M   'P 21 21 21'
#
loop_
_entity.id
_entity.type
_entity.pdbx_description
1 polymer 'cAMP-dependent protein kinase catalytic subunit alpha'
2 non-polymer '4-aminocarbonylbenzoic acid'
3 non-polymer (4S)-2-METHYL-2,4-PENTANEDIOL
4 non-polymer 'DIMETHYL SULFOXIDE'
5 water water
#
_entity_poly.entity_id   1
_entity_poly.type   'polypeptide(L)'
_entity_poly.pdbx_seq_one_letter_code
;GHMGNAAAAKKGSEQESVKEFLAKAKEEFLKKWESPSQNTAQLDHFDRIKTLGTGSFGRVMLVKHKETGNHYAMKILDKQ
KVVKLKQIEHTLNEKRILQAVNFPFLVKLEFSFKDNSNLYMVMEYVPGGEMFSHLRRIGRF(SEP)EPHARFYAAQIVLT
FEYLHSLDLIYRDLKPENLLIDQQGYIQVTDFGFAKRVKGRTW(TPO)LCGTPEYLAPEIILSKGYNKAVDWWALGVLIY
EMAAGYPPFFADQPIQIYEKIVSGKVRFPSHFSSDLKDLLRNLLQVDLTKRFGNLKNGVNDIKNHKWFATTDWIAIYQRK
VEAPFIPKFKGPGDTSNFDDYEEEEIRV(SEP)INEKCGKEFTEF
;
_entity_poly.pdbx_strand_id   A
#
loop_
_chem_comp.id
_chem_comp.type
_chem_comp.name
_chem_comp.formula
DMS non-polymer 'DIMETHYL SULFOXIDE' 'C2 H6 O S'
LQ2 non-polymer '4-aminocarbonylbenzoic acid' 'C8 H7 N O3'
MPD non-polymer (4S)-2-METHYL-2,4-PENTANEDIOL 'C6 H14 O2'
#
# COMPACT_ATOMS: atom_id res chain seq x y z
N GLU A 16 -18.47 20.00 -6.45
CA GLU A 16 -19.35 19.07 -7.15
C GLU A 16 -18.55 18.20 -8.10
N SER A 17 -17.50 18.74 -8.69
CA SER A 17 -16.67 17.95 -9.59
C SER A 17 -16.07 16.76 -8.85
N VAL A 18 -15.60 16.97 -7.62
CA VAL A 18 -15.04 15.90 -6.81
C VAL A 18 -16.13 14.92 -6.38
N LYS A 19 -17.26 15.47 -5.93
CA LYS A 19 -18.39 14.62 -5.54
C LYS A 19 -18.82 13.71 -6.68
N GLU A 20 -18.96 14.25 -7.89
CA GLU A 20 -19.40 13.41 -9.01
C GLU A 20 -18.31 12.42 -9.45
N PHE A 21 -17.04 12.82 -9.38
CA PHE A 21 -15.96 11.87 -9.62
C PHE A 21 -16.05 10.69 -8.66
N LEU A 22 -16.16 10.98 -7.36
CA LEU A 22 -16.18 9.91 -6.37
C LEU A 22 -17.46 9.06 -6.47
N ALA A 23 -18.59 9.67 -6.85
CA ALA A 23 -19.81 8.89 -7.02
C ALA A 23 -19.63 7.88 -8.15
N LYS A 24 -19.06 8.30 -9.28
CA LYS A 24 -18.79 7.38 -10.37
C LYS A 24 -17.78 6.32 -9.96
N ALA A 25 -16.74 6.72 -9.23
CA ALA A 25 -15.76 5.75 -8.76
C ALA A 25 -16.40 4.68 -7.91
N LYS A 26 -17.34 5.07 -7.04
CA LYS A 26 -17.99 4.09 -6.17
C LYS A 26 -18.92 3.16 -6.95
N GLU A 27 -19.67 3.73 -7.90
CA GLU A 27 -20.52 2.92 -8.78
C GLU A 27 -19.72 1.83 -9.48
N GLU A 28 -18.56 2.21 -10.03
CA GLU A 28 -17.77 1.28 -10.82
C GLU A 28 -17.14 0.23 -9.92
N PHE A 29 -16.69 0.63 -8.74
CA PHE A 29 -16.16 -0.30 -7.76
C PHE A 29 -17.24 -1.31 -7.35
N LEU A 30 -18.43 -0.81 -7.02
CA LEU A 30 -19.47 -1.70 -6.51
C LEU A 30 -19.89 -2.73 -7.54
N LYS A 31 -19.94 -2.37 -8.82
CA LYS A 31 -20.31 -3.37 -9.83
C LYS A 31 -19.33 -4.52 -9.85
N LYS A 32 -18.02 -4.24 -9.80
CA LYS A 32 -17.01 -5.30 -9.77
C LYS A 32 -16.98 -6.01 -8.42
N TRP A 33 -17.21 -5.27 -7.34
CA TRP A 33 -17.23 -5.84 -5.99
C TRP A 33 -18.31 -6.91 -5.87
N GLU A 34 -19.47 -6.66 -6.46
CA GLU A 34 -20.60 -7.56 -6.32
C GLU A 34 -20.50 -8.76 -7.25
N SER A 35 -19.72 -8.66 -8.33
CA SER A 35 -19.56 -9.75 -9.29
C SER A 35 -18.09 -9.89 -9.64
N PRO A 36 -17.29 -10.47 -8.76
CA PRO A 36 -15.84 -10.45 -8.97
C PRO A 36 -15.40 -11.35 -10.11
N SER A 37 -14.35 -10.92 -10.80
CA SER A 37 -13.73 -11.80 -11.79
C SER A 37 -13.00 -12.94 -11.09
N GLN A 38 -12.87 -14.05 -11.80
CA GLN A 38 -12.25 -15.26 -11.25
C GLN A 38 -11.60 -16.02 -12.39
N ASN A 39 -10.47 -16.66 -12.10
CA ASN A 39 -9.90 -17.68 -12.99
C ASN A 39 -9.63 -17.12 -14.39
N THR A 40 -8.84 -16.05 -14.46
CA THR A 40 -8.65 -15.33 -15.71
C THR A 40 -7.31 -15.62 -16.38
N ALA A 41 -6.51 -16.52 -15.83
CA ALA A 41 -5.31 -17.03 -16.49
C ALA A 41 -4.96 -18.36 -15.85
N GLN A 42 -3.81 -18.93 -16.22
CA GLN A 42 -3.30 -20.12 -15.56
C GLN A 42 -1.78 -20.09 -15.56
N LEU A 43 -1.19 -20.91 -14.70
CA LEU A 43 0.24 -20.78 -14.42
C LEU A 43 1.09 -21.04 -15.66
N ASP A 44 0.73 -22.03 -16.47
CA ASP A 44 1.55 -22.39 -17.63
C ASP A 44 1.41 -21.41 -18.80
N HIS A 45 0.70 -20.30 -18.61
CA HIS A 45 0.76 -19.19 -19.55
C HIS A 45 1.98 -18.32 -19.33
N PHE A 46 2.76 -18.59 -18.29
CA PHE A 46 3.84 -17.71 -17.85
C PHE A 46 5.15 -18.47 -17.71
N ASP A 47 6.23 -17.74 -17.97
CA ASP A 47 7.59 -18.14 -17.63
C ASP A 47 8.01 -17.41 -16.36
N ARG A 48 8.71 -18.10 -15.49
CA ARG A 48 9.25 -17.52 -14.28
C ARG A 48 10.63 -16.91 -14.56
N ILE A 49 10.84 -15.67 -14.10
CA ILE A 49 12.09 -14.96 -14.31
C ILE A 49 12.92 -14.84 -13.03
N LYS A 50 12.34 -14.28 -11.96
CA LYS A 50 13.14 -13.99 -10.78
C LYS A 50 12.23 -13.75 -9.59
N THR A 51 12.65 -14.17 -8.41
CA THR A 51 11.92 -13.86 -7.18
C THR A 51 12.26 -12.43 -6.75
N LEU A 52 11.23 -11.61 -6.54
CA LEU A 52 11.40 -10.21 -6.16
C LEU A 52 11.18 -9.97 -4.68
N GLY A 53 10.52 -10.89 -3.97
CA GLY A 53 10.26 -10.75 -2.56
C GLY A 53 9.66 -12.02 -2.02
N THR A 54 9.83 -12.26 -0.71
N THR A 54 9.82 -12.22 -0.70
CA THR A 54 9.40 -13.50 -0.08
CA THR A 54 9.36 -13.46 -0.11
C THR A 54 8.96 -13.21 1.35
C THR A 54 8.96 -13.22 1.34
N GLY A 55 7.96 -13.97 1.80
CA GLY A 55 7.44 -13.83 3.15
C GLY A 55 6.99 -15.16 3.74
N SER A 56 6.27 -15.11 4.87
CA SER A 56 5.94 -16.34 5.59
C SER A 56 4.90 -17.20 4.88
N PHE A 57 4.07 -16.62 4.00
CA PHE A 57 3.08 -17.40 3.29
C PHE A 57 3.01 -17.14 1.80
N GLY A 58 3.88 -16.29 1.26
CA GLY A 58 3.82 -15.99 -0.15
C GLY A 58 5.13 -15.39 -0.66
N ARG A 59 5.13 -15.13 -1.97
CA ARG A 59 6.26 -14.57 -2.68
C ARG A 59 5.73 -13.71 -3.82
N VAL A 60 6.59 -12.87 -4.35
CA VAL A 60 6.31 -12.15 -5.59
C VAL A 60 7.41 -12.48 -6.58
N MET A 61 7.01 -12.88 -7.79
N MET A 61 6.99 -12.90 -7.78
CA MET A 61 7.92 -13.33 -8.84
CA MET A 61 7.88 -13.28 -8.85
C MET A 61 7.72 -12.49 -10.10
C MET A 61 7.71 -12.32 -10.02
N LEU A 62 8.80 -12.03 -10.69
CA LEU A 62 8.73 -11.50 -12.05
C LEU A 62 8.47 -12.66 -12.98
N VAL A 63 7.44 -12.53 -13.82
CA VAL A 63 7.08 -13.53 -14.81
C VAL A 63 6.91 -12.83 -16.16
N LYS A 64 6.92 -13.62 -17.22
CA LYS A 64 6.66 -13.14 -18.56
C LYS A 64 5.55 -13.99 -19.17
N HIS A 65 4.56 -13.33 -19.74
CA HIS A 65 3.51 -14.04 -20.46
C HIS A 65 4.07 -14.58 -21.77
N LYS A 66 3.89 -15.88 -21.98
CA LYS A 66 4.54 -16.57 -23.10
C LYS A 66 3.99 -16.17 -24.46
N GLU A 67 2.75 -15.69 -24.54
CA GLU A 67 2.14 -15.33 -25.81
C GLU A 67 2.33 -13.85 -26.13
N THR A 68 2.18 -12.98 -25.14
CA THR A 68 2.24 -11.54 -25.39
C THR A 68 3.61 -10.95 -25.14
N GLY A 69 4.45 -11.63 -24.36
CA GLY A 69 5.74 -11.10 -23.98
C GLY A 69 5.69 -10.07 -22.88
N ASN A 70 4.52 -9.76 -22.34
CA ASN A 70 4.43 -8.79 -21.26
C ASN A 70 4.97 -9.35 -19.95
N HIS A 71 5.62 -8.49 -19.17
CA HIS A 71 6.09 -8.83 -17.84
C HIS A 71 5.05 -8.46 -16.80
N TYR A 72 5.01 -9.25 -15.75
CA TYR A 72 4.08 -9.04 -14.63
C TYR A 72 4.78 -9.42 -13.34
N ALA A 73 4.27 -8.89 -12.22
CA ALA A 73 4.68 -9.34 -10.88
C ALA A 73 3.59 -10.28 -10.36
N MET A 74 3.93 -11.55 -10.23
CA MET A 74 2.98 -12.58 -9.82
C MET A 74 3.15 -12.85 -8.33
N LYS A 75 2.13 -12.53 -7.55
CA LYS A 75 2.09 -12.83 -6.13
C LYS A 75 1.52 -14.24 -5.96
N ILE A 76 2.28 -15.11 -5.30
CA ILE A 76 1.95 -16.52 -5.13
C ILE A 76 1.77 -16.77 -3.64
N LEU A 77 0.58 -17.19 -3.23
CA LEU A 77 0.29 -17.46 -1.83
C LEU A 77 0.05 -18.94 -1.65
N ASP A 78 0.72 -19.54 -0.66
CA ASP A 78 0.55 -20.95 -0.36
C ASP A 78 -0.70 -21.12 0.51
N LYS A 79 -1.71 -21.83 -0.02
CA LYS A 79 -2.99 -21.93 0.68
C LYS A 79 -2.84 -22.49 2.09
N GLN A 80 -2.05 -23.55 2.25
CA GLN A 80 -1.90 -24.14 3.58
C GLN A 80 -1.27 -23.16 4.55
N LYS A 81 -0.30 -22.35 4.08
CA LYS A 81 0.33 -21.39 4.98
C LYS A 81 -0.60 -20.22 5.29
N VAL A 82 -1.42 -19.82 4.32
CA VAL A 82 -2.41 -18.78 4.58
C VAL A 82 -3.37 -19.22 5.68
N VAL A 83 -3.83 -20.47 5.62
CA VAL A 83 -4.72 -21.00 6.65
C VAL A 83 -4.03 -21.01 8.01
N LYS A 84 -2.79 -21.54 8.05
CA LYS A 84 -2.10 -21.68 9.33
C LYS A 84 -1.82 -20.33 9.97
N LEU A 85 -1.52 -19.31 9.17
CA LEU A 85 -1.22 -17.98 9.68
C LEU A 85 -2.46 -17.10 9.78
N LYS A 86 -3.64 -17.69 9.63
CA LYS A 86 -4.92 -17.02 9.89
C LYS A 86 -5.12 -15.83 8.96
N GLN A 87 -4.74 -16.01 7.68
CA GLN A 87 -4.88 -14.96 6.69
C GLN A 87 -5.95 -15.27 5.64
N ILE A 88 -6.87 -16.20 5.90
CA ILE A 88 -7.87 -16.55 4.88
C ILE A 88 -8.66 -15.33 4.46
N GLU A 89 -9.35 -14.69 5.41
CA GLU A 89 -10.18 -13.54 5.09
C GLU A 89 -9.37 -12.42 4.47
N HIS A 90 -8.16 -12.21 4.97
CA HIS A 90 -7.33 -11.15 4.44
C HIS A 90 -6.97 -11.40 2.99
N THR A 91 -6.69 -12.67 2.65
N THR A 91 -6.67 -12.66 2.62
CA THR A 91 -6.34 -12.99 1.27
CA THR A 91 -6.32 -12.92 1.22
C THR A 91 -7.53 -12.81 0.35
C THR A 91 -7.54 -12.84 0.32
N LEU A 92 -8.72 -13.23 0.80
CA LEU A 92 -9.93 -13.01 0.02
C LEU A 92 -10.23 -11.52 -0.12
N ASN A 93 -10.05 -10.75 0.95
CA ASN A 93 -10.16 -9.29 0.85
C ASN A 93 -9.25 -8.75 -0.24
N GLU A 94 -7.98 -9.13 -0.17
CA GLU A 94 -7.00 -8.55 -1.08
C GLU A 94 -7.41 -8.74 -2.53
N LYS A 95 -7.79 -9.96 -2.90
CA LYS A 95 -8.12 -10.22 -4.30
C LYS A 95 -9.46 -9.56 -4.68
N ARG A 96 -10.47 -9.63 -3.82
CA ARG A 96 -11.76 -9.06 -4.18
C ARG A 96 -11.67 -7.55 -4.34
N ILE A 97 -10.90 -6.89 -3.48
CA ILE A 97 -10.70 -5.44 -3.59
C ILE A 97 -9.90 -5.11 -4.84
N LEU A 98 -8.75 -5.78 -5.02
CA LEU A 98 -7.89 -5.42 -6.15
C LEU A 98 -8.60 -5.58 -7.49
N GLN A 99 -9.40 -6.62 -7.65
CA GLN A 99 -10.09 -6.77 -8.93
C GLN A 99 -11.18 -5.72 -9.14
N ALA A 100 -11.54 -4.96 -8.11
CA ALA A 100 -12.62 -3.98 -8.21
C ALA A 100 -12.17 -2.52 -8.25
N VAL A 101 -10.93 -2.21 -7.89
CA VAL A 101 -10.48 -0.83 -7.81
C VAL A 101 -9.79 -0.40 -9.10
N ASN A 102 -9.66 0.92 -9.25
CA ASN A 102 -9.08 1.53 -10.43
C ASN A 102 -8.67 2.95 -10.04
N PHE A 103 -7.37 3.20 -9.90
CA PHE A 103 -6.89 4.53 -9.56
C PHE A 103 -5.46 4.69 -10.05
N PRO A 104 -5.03 5.91 -10.44
CA PRO A 104 -3.72 6.03 -11.09
C PRO A 104 -2.55 5.59 -10.23
N PHE A 105 -2.69 5.60 -8.91
CA PHE A 105 -1.58 5.30 -8.01
C PHE A 105 -1.74 3.97 -7.29
N LEU A 106 -2.58 3.08 -7.82
CA LEU A 106 -2.69 1.69 -7.34
C LEU A 106 -2.18 0.74 -8.42
N VAL A 107 -1.32 -0.21 -8.05
N VAL A 107 -1.28 -0.18 -8.03
CA VAL A 107 -0.87 -1.17 -9.06
CA VAL A 107 -0.87 -1.24 -8.94
C VAL A 107 -2.03 -2.07 -9.44
C VAL A 107 -2.10 -2.01 -9.38
N LYS A 108 -2.18 -2.31 -10.74
N LYS A 108 -2.20 -2.27 -10.68
CA LYS A 108 -3.39 -2.93 -11.29
CA LYS A 108 -3.34 -2.95 -11.25
C LYS A 108 -3.26 -4.45 -11.34
C LYS A 108 -3.19 -4.47 -11.17
N LEU A 109 -4.27 -5.12 -10.80
CA LEU A 109 -4.37 -6.57 -10.92
C LEU A 109 -4.78 -6.90 -12.34
N GLU A 110 -3.98 -7.71 -13.01
CA GLU A 110 -4.25 -8.07 -14.40
C GLU A 110 -4.92 -9.43 -14.55
N PHE A 111 -4.55 -10.42 -13.75
CA PHE A 111 -5.19 -11.74 -13.77
C PHE A 111 -5.18 -12.29 -12.35
N SER A 112 -6.09 -13.24 -12.09
CA SER A 112 -6.01 -14.03 -10.87
C SER A 112 -6.49 -15.44 -11.17
N PHE A 113 -6.01 -16.38 -10.37
CA PHE A 113 -6.39 -17.79 -10.49
C PHE A 113 -5.83 -18.54 -9.30
N LYS A 114 -6.22 -19.80 -9.18
CA LYS A 114 -5.75 -20.68 -8.12
C LYS A 114 -5.54 -22.07 -8.69
N ASP A 115 -4.80 -22.89 -7.96
CA ASP A 115 -4.59 -24.29 -8.32
C ASP A 115 -4.65 -25.11 -7.05
N ASN A 116 -4.19 -26.36 -7.10
CA ASN A 116 -4.36 -27.23 -5.94
C ASN A 116 -3.63 -26.69 -4.71
N SER A 117 -2.54 -25.95 -4.90
CA SER A 117 -1.70 -25.52 -3.79
C SER A 117 -1.73 -24.03 -3.52
N ASN A 118 -1.85 -23.18 -4.55
CA ASN A 118 -1.56 -21.76 -4.40
C ASN A 118 -2.69 -20.90 -4.93
N LEU A 119 -2.67 -19.64 -4.47
CA LEU A 119 -3.44 -18.53 -5.02
C LEU A 119 -2.48 -17.64 -5.77
N TYR A 120 -2.94 -17.09 -6.89
CA TYR A 120 -2.11 -16.24 -7.74
C TYR A 120 -2.79 -14.92 -8.06
N MET A 121 -2.08 -13.83 -7.85
CA MET A 121 -2.51 -12.50 -8.28
C MET A 121 -1.42 -11.95 -9.18
N VAL A 122 -1.76 -11.76 -10.45
CA VAL A 122 -0.79 -11.32 -11.46
C VAL A 122 -0.98 -9.82 -11.63
N MET A 123 0.00 -9.05 -11.21
N MET A 123 -0.01 -9.04 -11.15
CA MET A 123 -0.12 -7.60 -11.20
CA MET A 123 -0.04 -7.58 -11.06
C MET A 123 0.77 -7.00 -12.26
C MET A 123 0.85 -6.96 -12.12
N GLU A 124 0.56 -5.71 -12.49
CA GLU A 124 1.51 -4.94 -13.28
C GLU A 124 2.86 -4.91 -12.56
N TYR A 125 3.94 -5.03 -13.32
CA TYR A 125 5.29 -4.95 -12.79
C TYR A 125 5.76 -3.50 -12.84
N VAL A 126 6.22 -3.01 -11.70
CA VAL A 126 6.68 -1.62 -11.55
C VAL A 126 8.19 -1.67 -11.37
N PRO A 127 8.97 -1.40 -12.42
CA PRO A 127 10.40 -1.74 -12.38
C PRO A 127 11.28 -0.81 -11.57
N GLY A 128 10.77 0.32 -11.10
CA GLY A 128 11.62 1.25 -10.38
C GLY A 128 11.92 0.86 -8.96
N GLY A 129 11.27 -0.17 -8.44
CA GLY A 129 11.54 -0.63 -7.11
C GLY A 129 10.80 0.14 -6.03
N GLU A 130 11.08 -0.27 -4.80
CA GLU A 130 10.41 0.30 -3.64
C GLU A 130 10.92 1.69 -3.32
N MET A 131 9.99 2.57 -2.93
N MET A 131 9.99 2.57 -2.95
CA MET A 131 10.41 3.87 -2.44
CA MET A 131 10.39 3.86 -2.41
C MET A 131 11.38 3.73 -1.27
C MET A 131 11.43 3.69 -1.33
N PHE A 132 11.24 2.69 -0.47
CA PHE A 132 12.16 2.45 0.65
C PHE A 132 13.61 2.38 0.19
N SER A 133 13.89 1.64 -0.88
N SER A 133 13.89 1.70 -0.91
CA SER A 133 15.25 1.54 -1.40
CA SER A 133 15.29 1.57 -1.33
C SER A 133 15.80 2.93 -1.71
C SER A 133 15.85 2.90 -1.80
N HIS A 134 15.03 3.73 -2.47
CA HIS A 134 15.50 5.04 -2.87
C HIS A 134 15.70 5.95 -1.68
N LEU A 135 14.77 5.91 -0.72
CA LEU A 135 14.90 6.70 0.49
C LEU A 135 16.18 6.36 1.23
N ARG A 136 16.45 5.07 1.40
CA ARG A 136 17.65 4.65 2.13
C ARG A 136 18.92 4.97 1.36
N ARG A 137 18.87 4.91 0.03
N ARG A 137 18.85 4.95 0.03
CA ARG A 137 20.02 5.29 -0.77
CA ARG A 137 20.02 5.28 -0.78
C ARG A 137 20.39 6.75 -0.52
C ARG A 137 20.40 6.75 -0.64
N ILE A 138 19.41 7.65 -0.62
CA ILE A 138 19.69 9.08 -0.59
C ILE A 138 19.71 9.67 0.82
N GLY A 139 19.13 8.98 1.78
CA GLY A 139 19.10 9.42 3.16
C GLY A 139 17.75 9.98 3.54
N ARG A 140 17.38 11.11 2.96
CA ARG A 140 16.05 11.66 3.16
C ARG A 140 15.66 12.41 1.90
N PHE A 141 14.36 12.59 1.72
CA PHE A 141 13.84 13.39 0.63
C PHE A 141 13.66 14.83 1.08
N SEP A 142 13.89 15.79 0.18
CA SEP A 142 13.53 17.18 0.44
CB SEP A 142 13.94 18.05 -0.75
OG SEP A 142 13.12 17.77 -1.87
C SEP A 142 12.02 17.29 0.65
O SEP A 142 11.26 16.39 0.27
P SEP A 142 13.60 18.38 -3.29
O1P SEP A 142 15.02 17.70 -3.60
O2P SEP A 142 13.79 19.93 -3.18
O3P SEP A 142 12.54 17.92 -4.40
H SEP A 142 14.25 15.65 -0.59
HA SEP A 142 14.00 17.51 1.24
HB2 SEP A 142 14.87 17.85 -0.98
HB3 SEP A 142 13.85 18.99 -0.51
N GLU A 143 11.56 18.38 1.22
CA GLU A 143 10.14 18.54 1.43
C GLU A 143 9.34 18.50 0.12
N PRO A 144 9.80 19.17 -0.95
CA PRO A 144 9.05 19.08 -2.20
C PRO A 144 8.92 17.65 -2.71
N HIS A 145 9.99 16.87 -2.57
CA HIS A 145 10.00 15.48 -3.02
C HIS A 145 9.05 14.63 -2.17
N ALA A 146 9.14 14.77 -0.84
CA ALA A 146 8.21 14.08 0.04
C ALA A 146 6.77 14.48 -0.24
N ARG A 147 6.54 15.77 -0.50
CA ARG A 147 5.21 16.30 -0.76
C ARG A 147 4.60 15.72 -2.04
N PHE A 148 5.41 15.58 -3.09
CA PHE A 148 4.96 14.96 -4.34
C PHE A 148 4.41 13.55 -4.08
N TYR A 149 5.16 12.71 -3.38
CA TYR A 149 4.66 11.38 -3.03
C TYR A 149 3.48 11.44 -2.07
N ALA A 150 3.54 12.32 -1.07
CA ALA A 150 2.46 12.40 -0.09
C ALA A 150 1.14 12.76 -0.76
N ALA A 151 1.18 13.67 -1.73
CA ALA A 151 -0.06 14.07 -2.41
C ALA A 151 -0.72 12.89 -3.10
N GLN A 152 0.09 12.02 -3.70
CA GLN A 152 -0.46 10.82 -4.34
C GLN A 152 -1.14 9.92 -3.31
N ILE A 153 -0.55 9.77 -2.13
CA ILE A 153 -1.17 8.97 -1.08
C ILE A 153 -2.46 9.63 -0.60
N VAL A 154 -2.46 10.96 -0.45
CA VAL A 154 -3.68 11.64 -0.02
C VAL A 154 -4.82 11.36 -0.99
N LEU A 155 -4.56 11.50 -2.28
CA LEU A 155 -5.60 11.23 -3.28
C LEU A 155 -6.02 9.77 -3.26
N THR A 156 -5.05 8.86 -3.13
CA THR A 156 -5.37 7.44 -3.11
C THR A 156 -6.24 7.09 -1.92
N PHE A 157 -5.94 7.64 -0.74
CA PHE A 157 -6.76 7.39 0.44
C PHE A 157 -8.13 8.06 0.31
N GLU A 158 -8.20 9.23 -0.31
CA GLU A 158 -9.51 9.84 -0.57
C GLU A 158 -10.37 8.89 -1.39
N TYR A 159 -9.77 8.31 -2.44
CA TYR A 159 -10.44 7.33 -3.28
C TYR A 159 -10.86 6.10 -2.47
N LEU A 160 -9.89 5.45 -1.81
CA LEU A 160 -10.19 4.21 -1.11
C LEU A 160 -11.24 4.44 -0.02
N HIS A 161 -11.06 5.48 0.78
CA HIS A 161 -11.99 5.70 1.88
C HIS A 161 -13.40 5.98 1.38
N SER A 162 -13.54 6.63 0.22
CA SER A 162 -14.87 6.89 -0.32
C SER A 162 -15.58 5.60 -0.71
N LEU A 163 -14.83 4.55 -1.00
CA LEU A 163 -15.34 3.22 -1.28
C LEU A 163 -15.55 2.39 -0.03
N ASP A 164 -15.36 2.98 1.16
CA ASP A 164 -15.42 2.27 2.43
C ASP A 164 -14.26 1.28 2.62
N LEU A 165 -13.14 1.53 1.96
CA LEU A 165 -11.97 0.68 2.07
C LEU A 165 -10.95 1.33 3.00
N ILE A 166 -10.36 0.54 3.89
CA ILE A 166 -9.20 0.95 4.69
C ILE A 166 -8.00 0.15 4.18
N TYR A 167 -6.86 0.82 4.04
CA TYR A 167 -5.68 0.20 3.43
C TYR A 167 -4.84 -0.60 4.41
N ARG A 168 -4.47 0.01 5.53
CA ARG A 168 -3.88 -0.64 6.71
C ARG A 168 -2.48 -1.21 6.51
N ASP A 169 -1.77 -0.86 5.44
CA ASP A 169 -0.40 -1.34 5.31
C ASP A 169 0.52 -0.27 4.71
N LEU A 170 0.28 0.99 4.99
CA LEU A 170 1.16 2.02 4.46
C LEU A 170 2.54 1.92 5.11
N LYS A 171 3.56 1.91 4.27
CA LYS A 171 4.96 1.87 4.67
C LYS A 171 5.78 2.05 3.40
N PRO A 172 7.04 2.45 3.51
CA PRO A 172 7.78 2.79 2.29
C PRO A 172 8.00 1.62 1.36
N GLU A 173 8.03 0.40 1.90
CA GLU A 173 8.25 -0.79 1.09
C GLU A 173 7.08 -1.07 0.16
N ASN A 174 5.89 -0.56 0.46
CA ASN A 174 4.72 -0.84 -0.33
C ASN A 174 4.44 0.21 -1.39
N LEU A 175 5.29 1.19 -1.55
CA LEU A 175 5.12 2.23 -2.54
C LEU A 175 6.19 2.00 -3.60
N LEU A 176 5.79 1.57 -4.78
CA LEU A 176 6.74 1.33 -5.86
C LEU A 176 6.81 2.57 -6.76
N ILE A 177 7.98 2.81 -7.33
N ILE A 177 7.98 2.79 -7.33
CA ILE A 177 8.19 3.99 -8.17
CA ILE A 177 8.22 3.95 -8.18
C ILE A 177 8.19 3.56 -9.63
C ILE A 177 8.17 3.50 -9.63
N ASP A 178 7.31 4.14 -10.42
CA ASP A 178 7.08 3.72 -11.80
C ASP A 178 8.00 4.45 -12.76
N GLN A 179 7.84 4.13 -14.04
N GLN A 179 7.83 4.14 -14.05
CA GLN A 179 8.73 4.67 -15.06
CA GLN A 179 8.70 4.65 -15.10
C GLN A 179 8.71 6.20 -15.07
C GLN A 179 8.58 6.15 -15.31
N GLN A 180 7.56 6.80 -14.73
CA GLN A 180 7.42 8.25 -14.75
C GLN A 180 7.82 8.89 -13.42
N GLY A 181 8.26 8.08 -12.45
CA GLY A 181 8.60 8.59 -11.14
C GLY A 181 7.43 8.74 -10.20
N TYR A 182 6.26 8.26 -10.57
CA TYR A 182 5.08 8.29 -9.71
C TYR A 182 4.98 7.02 -8.87
N ILE A 183 4.18 7.11 -7.82
CA ILE A 183 3.96 6.01 -6.89
C ILE A 183 2.89 5.08 -7.42
N GLN A 184 3.12 3.78 -7.21
N GLN A 184 3.07 3.79 -7.18
CA GLN A 184 2.11 2.73 -7.32
CA GLN A 184 2.00 2.80 -7.32
C GLN A 184 2.07 2.03 -5.97
C GLN A 184 1.99 1.93 -6.07
N VAL A 185 0.90 2.01 -5.33
CA VAL A 185 0.74 1.31 -4.05
C VAL A 185 0.48 -0.16 -4.33
N THR A 186 1.23 -1.02 -3.67
CA THR A 186 1.07 -2.46 -3.77
C THR A 186 0.81 -3.05 -2.39
N ASP A 187 0.36 -4.30 -2.41
CA ASP A 187 0.10 -5.12 -1.23
C ASP A 187 -1.18 -4.69 -0.54
N PHE A 188 -2.28 -5.29 -0.96
CA PHE A 188 -3.59 -5.10 -0.36
C PHE A 188 -3.92 -6.22 0.63
N GLY A 189 -2.88 -6.86 1.18
CA GLY A 189 -3.08 -7.99 2.08
C GLY A 189 -3.83 -7.66 3.35
N PHE A 190 -3.80 -6.40 3.80
CA PHE A 190 -4.56 -5.98 4.97
C PHE A 190 -5.71 -5.06 4.63
N ALA A 191 -5.98 -4.82 3.35
CA ALA A 191 -7.05 -3.90 2.99
C ALA A 191 -8.40 -4.55 3.24
N LYS A 192 -9.39 -3.74 3.62
CA LYS A 192 -10.68 -4.30 3.98
C LYS A 192 -11.79 -3.29 3.72
N ARG A 193 -12.95 -3.78 3.29
CA ARG A 193 -14.14 -2.96 3.20
C ARG A 193 -14.80 -2.92 4.57
N VAL A 194 -14.90 -1.71 5.13
CA VAL A 194 -15.31 -1.45 6.50
C VAL A 194 -16.21 -0.24 6.47
N LYS A 195 -17.48 -0.44 6.80
N LYS A 195 -17.47 -0.41 6.84
CA LYS A 195 -18.39 0.65 7.16
CA LYS A 195 -18.37 0.75 6.87
C LYS A 195 -18.41 0.66 8.69
C LYS A 195 -18.44 1.42 8.24
N GLY A 196 -17.67 1.59 9.27
N GLY A 196 -18.04 0.72 9.30
CA GLY A 196 -17.60 1.71 10.71
CA GLY A 196 -18.08 1.27 10.64
C GLY A 196 -16.28 1.16 11.25
C GLY A 196 -16.73 1.19 11.34
N ARG A 197 -16.39 0.28 12.24
N ARG A 197 -16.50 0.09 12.03
CA ARG A 197 -15.25 -0.17 13.02
CA ARG A 197 -15.26 -0.16 12.75
C ARG A 197 -14.77 -1.54 12.56
C ARG A 197 -14.73 -1.52 12.36
N THR A 198 -13.45 -1.76 12.68
CA THR A 198 -12.87 -3.08 12.52
C THR A 198 -11.84 -3.26 13.64
N TRP A 199 -11.39 -4.50 13.84
CA TRP A 199 -10.65 -4.83 15.05
C TRP A 199 -9.33 -5.58 14.90
N TPO A 200 -8.97 -6.03 13.70
CA TPO A 200 -7.81 -6.90 13.56
CB TPO A 200 -7.76 -7.54 12.17
CG2 TPO A 200 -6.68 -8.62 12.13
OG1 TPO A 200 -9.00 -8.17 11.91
P TPO A 200 -9.80 -7.53 10.68
O1P TPO A 200 -11.22 -8.22 10.66
O2P TPO A 200 -9.02 -7.76 9.43
O3P TPO A 200 -9.98 -6.00 10.99
C TPO A 200 -6.49 -6.20 13.85
O TPO A 200 -6.22 -5.10 13.32
H TPO A 200 -9.38 -5.84 12.96
HA TPO A 200 -7.91 -7.60 14.25
HB TPO A 200 -7.54 -6.77 11.43
HG21 TPO A 200 -6.74 -9.18 11.19
HG22 TPO A 200 -6.80 -9.30 12.97
HG23 TPO A 200 -5.69 -8.14 12.19
N LEU A 201 -5.64 -6.84 14.61
CA LEU A 201 -4.27 -6.37 14.79
C LEU A 201 -3.45 -6.69 13.54
N CYS A 202 -3.08 -5.68 12.77
N CYS A 202 -3.12 -5.66 12.77
CA CYS A 202 -2.21 -5.89 11.62
CA CYS A 202 -2.33 -5.81 11.55
C CYS A 202 -1.54 -4.56 11.25
C CYS A 202 -1.69 -4.47 11.23
N GLY A 203 -0.37 -4.68 10.62
N GLY A 203 -0.67 -4.54 10.37
CA GLY A 203 0.42 -3.54 10.18
CA GLY A 203 0.17 -3.43 9.98
C GLY A 203 1.83 -3.57 10.71
C GLY A 203 1.63 -3.77 10.21
N THR A 204 2.76 -2.84 10.07
N THR A 204 2.48 -2.75 10.27
CA THR A 204 4.12 -2.86 10.57
CA THR A 204 3.87 -2.92 10.70
C THR A 204 4.22 -1.99 11.83
C THR A 204 4.15 -2.01 11.89
N PRO A 205 4.98 -2.44 12.85
CA PRO A 205 5.03 -1.71 14.13
C PRO A 205 5.19 -0.21 14.03
N GLU A 206 6.13 0.29 13.22
CA GLU A 206 6.43 1.71 13.23
C GLU A 206 5.25 2.54 12.72
N TYR A 207 4.31 1.93 12.02
CA TYR A 207 3.21 2.62 11.36
C TYR A 207 1.87 2.44 12.05
N LEU A 208 1.81 1.70 13.16
CA LEU A 208 0.53 1.43 13.82
C LEU A 208 0.02 2.65 14.56
N ALA A 209 -1.26 2.95 14.35
CA ALA A 209 -1.92 3.99 15.13
C ALA A 209 -2.12 3.54 16.57
N PRO A 210 -2.20 4.48 17.51
CA PRO A 210 -2.38 4.08 18.90
C PRO A 210 -3.60 3.21 19.12
N GLU A 211 -4.70 3.48 18.43
CA GLU A 211 -5.93 2.71 18.68
C GLU A 211 -5.80 1.26 18.20
N ILE A 212 -4.90 0.97 17.27
CA ILE A 212 -4.61 -0.42 16.92
C ILE A 212 -3.83 -1.09 18.06
N ILE A 213 -2.78 -0.41 18.54
CA ILE A 213 -1.97 -0.94 19.64
C ILE A 213 -2.83 -1.24 20.85
N LEU A 214 -3.81 -0.39 21.13
CA LEU A 214 -4.67 -0.50 22.31
C LEU A 214 -5.90 -1.38 22.08
N SER A 215 -5.98 -2.06 20.93
CA SER A 215 -7.00 -3.09 20.70
C SER A 215 -8.41 -2.52 20.69
N LYS A 216 -8.56 -1.33 20.13
CA LYS A 216 -9.86 -0.70 20.00
C LYS A 216 -10.49 -1.05 18.67
N GLY A 217 -11.78 -0.81 18.57
CA GLY A 217 -12.43 -0.79 17.27
C GLY A 217 -12.05 0.48 16.56
N TYR A 218 -11.43 0.36 15.40
CA TYR A 218 -10.84 1.50 14.74
C TYR A 218 -11.38 1.65 13.32
N ASN A 219 -11.03 2.75 12.67
CA ASN A 219 -11.63 3.11 11.40
C ASN A 219 -10.55 3.68 10.50
N LYS A 220 -10.99 4.37 9.44
CA LYS A 220 -10.08 4.87 8.41
C LYS A 220 -9.08 5.88 8.96
N ALA A 221 -9.30 6.40 10.15
CA ALA A 221 -8.33 7.33 10.73
C ALA A 221 -6.94 6.70 10.90
N VAL A 222 -6.85 5.37 10.97
CA VAL A 222 -5.54 4.74 11.09
C VAL A 222 -4.70 4.98 9.85
N ASP A 223 -5.33 5.09 8.68
CA ASP A 223 -4.59 5.35 7.46
C ASP A 223 -3.98 6.76 7.50
N TRP A 224 -4.73 7.73 8.03
CA TRP A 224 -4.21 9.10 8.10
C TRP A 224 -3.07 9.21 9.10
N TRP A 225 -3.16 8.49 10.23
CA TRP A 225 -2.00 8.39 11.13
C TRP A 225 -0.79 7.86 10.39
N ALA A 226 -0.98 6.76 9.65
CA ALA A 226 0.13 6.15 8.92
C ALA A 226 0.73 7.11 7.90
N LEU A 227 -0.11 7.96 7.28
CA LEU A 227 0.41 8.97 6.36
C LEU A 227 1.34 9.94 7.11
N GLY A 228 0.96 10.33 8.32
CA GLY A 228 1.85 11.14 9.13
C GLY A 228 3.19 10.47 9.34
N VAL A 229 3.18 9.18 9.67
CA VAL A 229 4.42 8.44 9.86
C VAL A 229 5.24 8.45 8.57
N LEU A 230 4.59 8.19 7.44
CA LEU A 230 5.27 8.13 6.15
C LEU A 230 5.90 9.47 5.80
N ILE A 231 5.16 10.56 5.97
CA ILE A 231 5.70 11.87 5.63
C ILE A 231 6.90 12.18 6.50
N TYR A 232 6.79 11.91 7.81
CA TYR A 232 7.92 12.10 8.70
C TYR A 232 9.13 11.29 8.22
N GLU A 233 8.93 10.00 7.94
CA GLU A 233 10.06 9.15 7.54
C GLU A 233 10.68 9.62 6.23
N MET A 234 9.86 10.02 5.26
CA MET A 234 10.41 10.54 4.01
C MET A 234 11.25 11.79 4.23
N ALA A 235 10.79 12.69 5.10
CA ALA A 235 11.45 13.99 5.26
C ALA A 235 12.62 13.94 6.22
N ALA A 236 12.61 13.00 7.17
CA ALA A 236 13.68 12.85 8.16
C ALA A 236 14.68 11.76 7.80
N GLY A 237 14.24 10.71 7.13
CA GLY A 237 15.06 9.53 6.85
C GLY A 237 14.85 8.38 7.83
N TYR A 238 14.05 8.58 8.86
CA TYR A 238 13.76 7.58 9.89
C TYR A 238 12.38 7.88 10.43
N PRO A 239 11.70 6.90 11.02
CA PRO A 239 10.32 7.12 11.45
C PRO A 239 10.25 7.78 12.81
N PRO A 240 9.10 8.37 13.15
CA PRO A 240 9.03 9.23 14.35
C PRO A 240 9.10 8.48 15.66
N PHE A 241 8.70 7.22 15.69
CA PHE A 241 8.62 6.48 16.95
C PHE A 241 9.66 5.38 17.05
N PHE A 242 10.79 5.58 16.38
CA PHE A 242 11.80 4.56 16.24
C PHE A 242 12.33 4.06 17.58
N ALA A 243 12.48 2.74 17.68
CA ALA A 243 13.15 2.10 18.81
C ALA A 243 13.59 0.72 18.38
N ASP A 244 14.40 0.07 19.22
CA ASP A 244 15.03 -1.19 18.86
C ASP A 244 14.05 -2.37 18.88
N GLN A 245 13.06 -2.35 19.76
CA GLN A 245 12.12 -3.46 19.91
C GLN A 245 10.68 -2.96 19.77
N PRO A 246 9.78 -3.80 19.26
CA PRO A 246 8.38 -3.35 19.10
C PRO A 246 7.75 -2.75 20.34
N ILE A 247 7.91 -3.38 21.51
CA ILE A 247 7.26 -2.85 22.72
C ILE A 247 7.69 -1.41 22.97
N GLN A 248 8.96 -1.10 22.69
CA GLN A 248 9.44 0.27 22.90
C GLN A 248 8.84 1.21 21.86
N ILE A 249 8.70 0.75 20.62
CA ILE A 249 8.02 1.56 19.61
C ILE A 249 6.60 1.87 20.05
N TYR A 250 5.88 0.84 20.53
CA TYR A 250 4.48 1.02 20.90
C TYR A 250 4.34 2.00 22.06
N GLU A 251 5.26 1.97 23.02
CA GLU A 251 5.20 2.93 24.11
C GLU A 251 5.33 4.36 23.59
N LYS A 252 6.25 4.57 22.65
CA LYS A 252 6.41 5.90 22.07
C LYS A 252 5.17 6.33 21.30
N ILE A 253 4.59 5.42 20.51
CA ILE A 253 3.39 5.74 19.74
C ILE A 253 2.26 6.22 20.63
N VAL A 254 2.00 5.52 21.74
N VAL A 254 1.91 5.42 21.64
CA VAL A 254 0.86 5.89 22.57
CA VAL A 254 0.75 5.75 22.45
C VAL A 254 1.14 7.06 23.51
C VAL A 254 1.03 7.01 23.28
N SER A 255 2.36 7.61 23.50
N SER A 255 2.28 7.23 23.66
CA SER A 255 2.73 8.62 24.50
CA SER A 255 2.65 8.51 24.22
C SER A 255 2.15 10.00 24.20
C SER A 255 2.44 9.59 23.16
N GLY A 256 1.89 10.32 22.94
N GLY A 256 1.82 10.69 23.56
CA GLY A 256 1.47 11.65 22.57
CA GLY A 256 1.48 11.74 22.63
C GLY A 256 2.61 12.63 22.34
C GLY A 256 2.64 12.68 22.38
N LYS A 257 3.84 12.13 22.20
CA LYS A 257 5.05 12.94 22.05
C LYS A 257 5.82 12.54 20.80
N VAL A 258 6.27 13.55 20.04
CA VAL A 258 7.09 13.35 18.85
C VAL A 258 8.11 14.47 18.81
N ARG A 259 9.32 14.16 18.37
CA ARG A 259 10.39 15.14 18.24
C ARG A 259 10.64 15.36 16.76
N PHE A 260 10.72 16.59 16.35
CA PHE A 260 10.91 16.91 14.95
C PHE A 260 12.33 17.42 14.71
N PRO A 261 12.99 17.00 13.63
CA PRO A 261 14.28 17.61 13.25
C PRO A 261 14.13 19.11 13.04
N SER A 262 15.17 19.86 13.43
CA SER A 262 15.15 21.29 13.25
C SER A 262 15.02 21.68 11.77
N HIS A 263 15.46 20.82 10.85
CA HIS A 263 15.34 21.19 9.45
C HIS A 263 13.92 21.11 8.92
N PHE A 264 12.98 20.47 9.62
CA PHE A 264 11.58 20.50 9.18
C PHE A 264 11.05 21.93 9.18
N SER A 265 10.30 22.28 8.15
CA SER A 265 9.59 23.54 8.13
C SER A 265 8.49 23.58 9.20
N SER A 266 8.11 24.78 9.60
CA SER A 266 7.00 24.94 10.53
C SER A 266 5.70 24.36 9.98
N ASP A 267 5.46 24.53 8.68
CA ASP A 267 4.26 23.95 8.07
C ASP A 267 4.26 22.44 8.16
N LEU A 268 5.41 21.81 7.89
CA LEU A 268 5.49 20.36 8.00
C LEU A 268 5.21 19.91 9.42
N LYS A 269 5.81 20.58 10.41
CA LYS A 269 5.59 20.19 11.80
C LYS A 269 4.11 20.31 12.16
N ASP A 270 3.47 21.38 11.71
CA ASP A 270 2.06 21.57 12.04
C ASP A 270 1.20 20.48 11.43
N LEU A 271 1.43 20.16 10.15
CA LEU A 271 0.66 19.07 9.54
C LEU A 271 0.87 17.77 10.30
N LEU A 272 2.13 17.45 10.61
CA LEU A 272 2.42 16.18 11.27
C LEU A 272 1.82 16.11 12.68
N ARG A 273 1.77 17.21 13.41
CA ARG A 273 1.11 17.16 14.71
C ARG A 273 -0.37 16.81 14.58
N ASN A 274 -0.99 17.21 13.49
CA ASN A 274 -2.41 16.95 13.27
C ASN A 274 -2.69 15.58 12.67
N LEU A 275 -1.73 14.99 11.97
CA LEU A 275 -1.87 13.61 11.51
C LEU A 275 -1.48 12.61 12.61
N LEU A 276 -0.40 12.90 13.34
CA LEU A 276 0.08 12.08 14.45
C LEU A 276 -0.59 12.49 15.75
N GLN A 277 -1.87 12.74 15.67
CA GLN A 277 -2.71 13.07 16.81
C GLN A 277 -3.20 11.77 17.43
N VAL A 278 -2.83 11.53 18.70
N VAL A 278 -2.83 11.52 18.69
CA VAL A 278 -3.18 10.26 19.34
CA VAL A 278 -3.19 10.27 19.34
C VAL A 278 -4.67 10.13 19.62
C VAL A 278 -4.70 10.14 19.46
N ASP A 279 -5.39 11.24 19.74
CA ASP A 279 -6.85 11.22 19.89
C ASP A 279 -7.44 11.16 18.50
N LEU A 280 -7.98 10.00 18.12
CA LEU A 280 -8.44 9.81 16.74
C LEU A 280 -9.59 10.76 16.41
N THR A 281 -10.32 11.26 17.42
CA THR A 281 -11.43 12.17 17.16
C THR A 281 -10.95 13.57 16.82
N LYS A 282 -9.65 13.85 16.97
CA LYS A 282 -9.04 15.15 16.65
C LYS A 282 -8.05 15.06 15.50
N ARG A 283 -7.94 13.92 14.85
CA ARG A 283 -6.91 13.67 13.85
C ARG A 283 -7.35 14.15 12.48
N PHE A 284 -6.47 14.87 11.78
CA PHE A 284 -6.77 15.29 10.42
C PHE A 284 -7.09 14.07 9.56
N GLY A 285 -8.06 14.26 8.67
CA GLY A 285 -8.61 13.19 7.88
C GLY A 285 -9.85 12.58 8.49
N ASN A 286 -10.06 12.79 9.80
CA ASN A 286 -11.18 12.22 10.53
C ASN A 286 -12.07 13.28 11.16
N LEU A 287 -11.97 14.53 10.72
CA LEU A 287 -12.81 15.60 11.22
C LEU A 287 -13.93 15.86 10.24
N LYS A 288 -14.79 16.83 10.58
CA LYS A 288 -15.96 17.09 9.74
C LYS A 288 -15.58 17.43 8.30
N ASN A 289 -14.44 18.09 8.09
CA ASN A 289 -14.03 18.44 6.74
C ASN A 289 -13.26 17.34 6.04
N GLY A 290 -13.09 16.19 6.68
CA GLY A 290 -12.47 15.05 6.03
C GLY A 290 -11.10 15.36 5.43
N VAL A 291 -10.91 14.88 4.21
CA VAL A 291 -9.61 15.00 3.57
C VAL A 291 -9.23 16.45 3.29
N ASN A 292 -10.21 17.34 3.25
CA ASN A 292 -9.92 18.72 2.86
C ASN A 292 -9.09 19.44 3.91
N ASP A 293 -9.12 19.02 5.18
CA ASP A 293 -8.21 19.62 6.16
C ASP A 293 -6.77 19.34 5.80
N ILE A 294 -6.51 18.22 5.14
CA ILE A 294 -5.17 17.89 4.66
C ILE A 294 -4.86 18.62 3.36
N LYS A 295 -5.77 18.52 2.39
CA LYS A 295 -5.51 19.11 1.08
C LYS A 295 -5.35 20.62 1.15
N ASN A 296 -6.00 21.28 2.09
CA ASN A 296 -5.96 22.73 2.23
C ASN A 296 -4.90 23.21 3.21
N HIS A 297 -4.15 22.31 3.83
CA HIS A 297 -3.12 22.71 4.77
C HIS A 297 -2.00 23.45 4.04
N LYS A 298 -1.40 24.42 4.75
CA LYS A 298 -0.33 25.20 4.13
C LYS A 298 0.82 24.36 3.59
N TRP A 299 1.14 23.21 4.19
CA TRP A 299 2.24 22.42 3.66
C TRP A 299 1.97 21.97 2.24
N PHE A 300 0.70 21.87 1.86
CA PHE A 300 0.30 21.49 0.51
C PHE A 300 -0.07 22.67 -0.37
N ALA A 301 0.26 23.91 0.02
CA ALA A 301 -0.19 25.08 -0.75
C ALA A 301 0.32 25.08 -2.19
N THR A 302 1.50 24.52 -2.45
CA THR A 302 2.05 24.49 -3.81
C THR A 302 1.53 23.33 -4.64
N THR A 303 0.72 22.45 -4.07
CA THR A 303 0.28 21.23 -4.76
C THR A 303 -0.94 21.52 -5.62
N ASP A 304 -0.84 21.20 -6.91
CA ASP A 304 -1.97 21.23 -7.82
C ASP A 304 -2.54 19.82 -7.85
N TRP A 305 -3.61 19.60 -7.08
CA TRP A 305 -4.14 18.25 -6.88
C TRP A 305 -4.59 17.61 -8.19
N ILE A 306 -5.22 18.38 -9.08
CA ILE A 306 -5.65 17.85 -10.36
C ILE A 306 -4.46 17.46 -11.23
N ALA A 307 -3.42 18.30 -11.26
CA ALA A 307 -2.25 17.99 -12.07
C ALA A 307 -1.57 16.72 -11.59
N ILE A 308 -1.51 16.51 -10.26
CA ILE A 308 -0.96 15.27 -9.71
C ILE A 308 -1.79 14.08 -10.19
N TYR A 309 -3.11 14.16 -10.02
CA TYR A 309 -3.99 13.09 -10.46
C TYR A 309 -3.78 12.77 -11.93
N GLN A 310 -3.65 13.79 -12.77
CA GLN A 310 -3.48 13.62 -14.20
C GLN A 310 -2.04 13.27 -14.60
N ARG A 311 -1.11 13.17 -13.65
N ARG A 311 -1.13 13.17 -13.64
CA ARG A 311 0.29 12.80 -13.92
CA ARG A 311 0.26 12.83 -13.91
C ARG A 311 1.04 13.85 -14.74
C ARG A 311 0.88 13.82 -14.89
N LYS A 312 0.63 15.11 -14.65
CA LYS A 312 1.22 16.17 -15.45
C LYS A 312 2.37 16.89 -14.74
N VAL A 313 2.63 16.57 -13.48
CA VAL A 313 3.73 17.16 -12.74
C VAL A 313 5.00 16.37 -13.04
N GLU A 314 6.10 17.06 -13.30
CA GLU A 314 7.38 16.37 -13.48
C GLU A 314 7.84 15.81 -12.14
N ALA A 315 8.24 14.55 -12.13
CA ALA A 315 8.56 13.88 -10.89
C ALA A 315 9.94 14.28 -10.38
N PRO A 316 10.18 14.09 -9.07
CA PRO A 316 11.49 14.43 -8.49
C PRO A 316 12.64 13.61 -9.05
N PHE A 317 12.41 12.35 -9.39
CA PHE A 317 13.39 11.58 -10.13
C PHE A 317 12.70 10.42 -10.82
N ILE A 318 13.35 9.99 -11.88
CA ILE A 318 12.96 8.83 -12.66
C ILE A 318 13.91 7.72 -12.25
N PRO A 319 13.41 6.57 -11.81
CA PRO A 319 14.31 5.48 -11.44
C PRO A 319 15.10 5.05 -12.65
N LYS A 320 16.32 4.57 -12.40
CA LYS A 320 17.18 4.06 -13.45
C LYS A 320 16.90 2.59 -13.65
N PHE A 321 16.48 2.24 -14.85
CA PHE A 321 16.28 0.85 -15.21
C PHE A 321 16.32 0.77 -16.73
N LYS A 322 16.57 -0.43 -17.25
CA LYS A 322 16.87 -0.57 -18.68
C LYS A 322 15.65 -0.93 -19.52
N GLY A 323 14.57 -1.40 -18.90
CA GLY A 323 13.42 -1.84 -19.63
C GLY A 323 12.47 -2.58 -18.73
N PRO A 324 11.34 -3.03 -19.28
CA PRO A 324 10.28 -3.62 -18.45
C PRO A 324 10.65 -4.95 -17.82
N GLY A 325 11.75 -5.57 -18.23
CA GLY A 325 12.24 -6.80 -17.63
C GLY A 325 13.40 -6.62 -16.69
N ASP A 326 13.83 -5.40 -16.46
CA ASP A 326 14.98 -5.17 -15.60
C ASP A 326 14.57 -5.32 -14.14
N THR A 327 15.33 -6.13 -13.41
CA THR A 327 15.11 -6.37 -11.98
C THR A 327 16.15 -5.68 -11.08
N SER A 328 16.98 -4.78 -11.63
N SER A 328 16.98 -4.79 -11.63
CA SER A 328 18.11 -4.22 -10.90
CA SER A 328 18.11 -4.23 -10.88
C SER A 328 17.68 -3.40 -9.69
C SER A 328 17.65 -3.49 -9.63
N ASN A 329 16.44 -2.92 -9.64
CA ASN A 329 15.98 -2.15 -8.48
C ASN A 329 15.35 -3.00 -7.40
N PHE A 330 15.33 -4.31 -7.57
CA PHE A 330 14.90 -5.26 -6.57
C PHE A 330 16.08 -6.12 -6.16
N ASP A 331 15.95 -6.83 -5.07
CA ASP A 331 17.10 -7.51 -4.49
C ASP A 331 17.01 -9.02 -4.70
N ASP A 332 17.97 -9.75 -4.14
CA ASP A 332 18.22 -11.13 -4.50
C ASP A 332 17.75 -12.08 -3.41
N TYR A 333 16.98 -13.09 -3.80
CA TYR A 333 16.40 -14.07 -2.90
C TYR A 333 16.68 -15.47 -3.45
N GLU A 334 16.76 -16.43 -2.55
CA GLU A 334 16.88 -17.84 -2.96
C GLU A 334 15.70 -18.18 -3.85
N GLU A 335 15.99 -18.83 -4.99
CA GLU A 335 14.97 -19.22 -5.95
C GLU A 335 14.41 -20.59 -5.54
N GLU A 336 13.15 -20.62 -5.11
CA GLU A 336 12.48 -21.85 -4.69
C GLU A 336 11.41 -22.31 -5.68
N GLU A 337 11.10 -23.62 -5.66
CA GLU A 337 10.09 -24.19 -6.56
C GLU A 337 8.71 -23.57 -6.38
N ILE A 338 7.93 -23.55 -7.46
CA ILE A 338 6.48 -23.34 -7.39
C ILE A 338 5.88 -24.73 -7.58
N ARG A 339 5.75 -25.46 -6.50
CA ARG A 339 5.23 -26.81 -6.56
C ARG A 339 3.70 -26.79 -6.44
N VAL A 340 3.05 -27.59 -7.28
CA VAL A 340 1.59 -27.69 -7.27
C VAL A 340 1.22 -29.14 -6.93
N SEP A 341 0.58 -29.33 -5.79
CA SEP A 341 0.27 -30.67 -5.31
CB SEP A 341 -0.41 -30.59 -3.94
OG SEP A 341 -0.96 -31.84 -3.55
C SEP A 341 -0.65 -31.37 -6.29
O SEP A 341 -1.40 -30.73 -7.03
P SEP A 341 0.10 -32.85 -2.89
O1P SEP A 341 -0.77 -33.87 -2.01
O2P SEP A 341 1.19 -32.12 -1.97
O3P SEP A 341 0.81 -33.59 -4.12
H SEP A 341 0.31 -28.70 -5.27
HA SEP A 341 1.09 -31.18 -5.22
HB2 SEP A 341 -1.13 -29.93 -3.98
HB3 SEP A 341 0.24 -30.32 -3.28
N ILE A 342 -0.57 -32.69 -6.28
CA ILE A 342 -1.46 -33.54 -7.05
C ILE A 342 -2.88 -33.57 -6.48
N ASN A 343 -3.04 -33.13 -5.22
CA ASN A 343 -4.32 -33.12 -4.54
C ASN A 343 -4.69 -31.68 -4.18
N GLU A 344 -5.98 -31.37 -4.28
CA GLU A 344 -6.46 -30.03 -3.96
C GLU A 344 -6.37 -29.77 -2.46
N LYS A 345 -5.78 -28.64 -2.08
CA LYS A 345 -5.67 -28.25 -0.69
C LYS A 345 -6.60 -27.09 -0.38
N CYS A 346 -7.30 -27.16 0.75
CA CYS A 346 -8.06 -26.02 1.27
C CYS A 346 -9.06 -25.47 0.25
N GLY A 347 -9.66 -26.36 -0.55
CA GLY A 347 -10.57 -25.91 -1.59
C GLY A 347 -11.74 -25.11 -1.01
N LYS A 348 -12.30 -25.60 0.09
CA LYS A 348 -13.47 -24.94 0.66
C LYS A 348 -13.15 -23.53 1.10
N GLU A 349 -12.02 -23.35 1.78
CA GLU A 349 -11.69 -22.05 2.35
C GLU A 349 -11.59 -20.97 1.26
N PHE A 350 -11.12 -21.35 0.07
CA PHE A 350 -10.82 -20.39 -0.99
C PHE A 350 -11.78 -20.49 -2.17
N THR A 351 -12.98 -21.04 -1.94
CA THR A 351 -13.95 -21.19 -3.01
C THR A 351 -14.19 -19.88 -3.76
N GLU A 352 -14.26 -18.75 -3.05
CA GLU A 352 -14.63 -17.53 -3.76
C GLU A 352 -13.47 -16.90 -4.51
N PHE A 353 -12.24 -17.35 -4.29
CA PHE A 353 -11.09 -16.72 -4.95
C PHE A 353 -11.14 -17.01 -6.45
C4 LQ2 B . 6.68 -6.76 -4.94
C2 LQ2 B . 7.05 -5.95 -7.18
C3 LQ2 B . 7.55 -6.46 -5.99
C1 LQ2 B . 5.69 -5.72 -7.34
C7 LQ2 B . 4.83 -6.01 -6.29
C6 LQ2 B . 5.32 -6.53 -5.10
C5 LQ2 B . 7.22 -7.37 -3.69
O1 LQ2 B . 8.42 -7.59 -3.56
O2 LQ2 B . 6.33 -7.64 -2.77
N LQ2 B . 3.86 -5.09 -8.77
C LQ2 B . 5.18 -5.16 -8.62
O LQ2 B . 5.98 -4.79 -9.47
C1 MPD C . -8.04 14.49 -8.20
C2 MPD C . -9.50 14.05 -8.19
O2 MPD C . -10.29 15.09 -7.55
CM MPD C . -9.98 13.91 -9.63
C3 MPD C . -9.66 12.70 -7.50
C4 MPD C . -9.77 12.82 -5.99
O4 MPD C . -11.00 13.40 -5.64
C5 MPD C . -9.62 11.44 -5.33
S DMS D . -13.42 7.42 -12.48
O DMS D . -12.94 6.41 -11.49
C1 DMS D . -14.42 8.69 -11.68
C2 DMS D . -12.03 8.37 -13.18
S DMS E . -14.77 -11.00 1.29
O DMS E . -15.65 -11.46 0.18
C1 DMS E . -13.33 -10.19 0.56
C2 DMS E . -15.55 -9.60 2.12
S DMS F . -8.60 -19.29 -18.39
O DMS F . -7.47 -18.41 -18.81
C1 DMS F . -8.85 -20.56 -19.66
C2 DMS F . -8.09 -20.33 -17.00
#